data_2DKI
#
_entry.id   2DKI
#
_cell.length_a   73.680
_cell.length_b   73.680
_cell.length_c   224.810
_cell.angle_alpha   90.00
_cell.angle_beta   90.00
_cell.angle_gamma   120.00
#
_symmetry.space_group_name_H-M   'P 32 2 1'
#
loop_
_entity.id
_entity.type
_entity.pdbx_description
1 polymer '3-HYDROXYBENZOATE HYDROXYLASE'
2 non-polymer 'SULFATE ION'
3 non-polymer 'FLAVIN-ADENINE DINUCLEOTIDE'
4 non-polymer XENON
5 water water
#
_entity_poly.entity_id   1
_entity_poly.type   'polypeptide(L)'
_entity_poly.pdbx_seq_one_letter_code
;MQFHLNGFRPGNPLIAPASPLAPAHTEAVPSQVDVLIVGCGPAGLTLAAQLAAFPDIRTCIVEQKEGPMELGQADGIACR
TMEMFEAFEFADSILKEACWINDVTFWKPDPGQPGRIARHGRVQDTEDGLSEFPHVILNQARVHDHYLERMRNSPSRLEP
HYARRVLDVKVDHGAADYPVTVTLERCDAAHAGQIETVQARYVVGCDGARSNVRRAIGRQLVGDSANQAWGVMDVLAVTD
FPDVRYKVAIQSEQGNVLIIPREGGHLVRFYVEMDKLDADERVASRNITVEQLIATAQRVLHPYKLEVKNVPWWSVYEIG
QRICAKYDDVVDAVATPDSPLPRVFIAGDACHTHSPKAGQGMNFSMQDSFNLGWKLAAVLRKQCAPELLHTYSSERQVVA
QQLIDFDREWAKMFSDPAKEGGQGGVDPKEFQKYFEQHGRFTAGVGTHYAPSLLTGQAKHQALASGFTVGMRFHSAPVVR
VCDAKPVQLGHCGKADGRWRLYAFAAQNDLAQPESGLLALCRFLEGDAASPLRRFTPAGQDIDSIFDLRAVFPQAYTEVA
LETLPALLLPPKGQLGMIDYEKVFSPDLKNAGQDIFELRGIDRQQGALVVVRPDQYVAQVLPLGDHAALSAYFESFMRA
;
_entity_poly.pdbx_strand_id   A
#
# COMPACT_ATOMS: atom_id res chain seq x y z
N MET A 1 6.38 4.73 -18.41
CA MET A 1 7.07 3.42 -18.25
C MET A 1 8.16 3.25 -19.31
N GLN A 2 9.15 2.42 -19.00
CA GLN A 2 10.24 2.20 -19.94
C GLN A 2 10.32 0.75 -20.37
N PHE A 3 10.55 0.55 -21.68
CA PHE A 3 10.67 -0.78 -22.25
C PHE A 3 11.50 -0.73 -23.52
N HIS A 4 11.79 -1.91 -24.08
CA HIS A 4 12.63 -2.05 -25.27
C HIS A 4 14.08 -1.80 -24.90
N LEU A 5 14.40 -1.94 -23.62
CA LEU A 5 15.75 -1.72 -23.13
C LEU A 5 16.78 -2.64 -23.77
N ASN A 6 16.38 -3.88 -24.05
CA ASN A 6 17.29 -4.85 -24.64
C ASN A 6 16.88 -5.32 -26.03
N GLY A 7 16.03 -4.54 -26.68
CA GLY A 7 15.58 -4.91 -28.01
C GLY A 7 14.09 -4.69 -28.13
N PHE A 8 13.61 -4.50 -29.35
CA PHE A 8 12.18 -4.30 -29.56
C PHE A 8 11.44 -5.54 -29.07
N ARG A 9 10.32 -5.30 -28.41
CA ARG A 9 9.49 -6.37 -27.87
C ARG A 9 8.05 -6.02 -28.25
N PRO A 10 7.40 -6.87 -29.06
CA PRO A 10 6.03 -6.63 -29.49
C PRO A 10 5.00 -6.86 -28.38
N GLY A 11 3.77 -6.44 -28.66
CA GLY A 11 2.70 -6.61 -27.69
C GLY A 11 2.71 -5.62 -26.56
N ASN A 12 1.83 -5.86 -25.59
CA ASN A 12 1.71 -4.99 -24.42
C ASN A 12 2.97 -5.12 -23.58
N PRO A 13 3.72 -4.01 -23.42
CA PRO A 13 4.95 -3.99 -22.62
C PRO A 13 4.78 -4.37 -21.16
N LEU A 14 3.54 -4.29 -20.66
CA LEU A 14 3.30 -4.64 -19.26
C LEU A 14 3.37 -6.15 -19.02
N ILE A 15 3.39 -6.92 -20.10
CA ILE A 15 3.53 -8.35 -19.97
C ILE A 15 5.04 -8.58 -20.02
N ALA A 16 5.62 -9.04 -18.91
CA ALA A 16 7.06 -9.27 -18.85
C ALA A 16 7.46 -10.60 -19.45
N PRO A 17 8.71 -10.67 -19.97
CA PRO A 17 9.16 -11.93 -20.55
C PRO A 17 9.33 -12.92 -19.41
N ALA A 18 8.93 -14.17 -19.63
CA ALA A 18 9.03 -15.19 -18.61
C ALA A 18 10.49 -15.40 -18.20
N SER A 19 10.75 -15.32 -16.90
CA SER A 19 12.10 -15.52 -16.40
C SER A 19 12.45 -16.99 -16.27
N PRO A 20 13.62 -17.40 -16.77
CA PRO A 20 14.06 -18.79 -16.70
C PRO A 20 14.35 -19.17 -15.25
N LEU A 21 14.66 -18.17 -14.43
CA LEU A 21 14.95 -18.38 -13.03
C LEU A 21 13.74 -18.91 -12.27
N ALA A 22 12.57 -18.82 -12.90
CA ALA A 22 11.35 -19.26 -12.23
C ALA A 22 10.69 -20.49 -12.83
N PRO A 23 10.65 -21.60 -12.08
CA PRO A 23 10.04 -22.83 -12.57
C PRO A 23 8.53 -22.65 -12.81
N ALA A 24 8.04 -23.25 -13.89
CA ALA A 24 6.63 -23.16 -14.24
C ALA A 24 5.71 -23.66 -13.14
N HIS A 25 4.50 -23.09 -13.09
CA HIS A 25 3.50 -23.45 -12.10
C HIS A 25 3.17 -24.95 -12.21
N THR A 26 3.05 -25.62 -11.06
CA THR A 26 2.72 -27.03 -11.05
C THR A 26 1.40 -27.26 -10.35
N GLU A 27 0.70 -28.32 -10.76
CA GLU A 27 -0.59 -28.65 -10.17
C GLU A 27 -0.43 -28.86 -8.67
N ALA A 28 0.64 -29.53 -8.29
CA ALA A 28 0.92 -29.80 -6.90
C ALA A 28 1.81 -28.72 -6.29
N VAL A 29 1.49 -28.32 -5.06
CA VAL A 29 2.27 -27.31 -4.35
C VAL A 29 3.70 -27.80 -4.21
N PRO A 30 4.68 -26.99 -4.62
CA PRO A 30 6.10 -27.37 -4.53
C PRO A 30 6.48 -27.82 -3.12
N SER A 31 7.50 -28.68 -3.03
CA SER A 31 7.94 -29.18 -1.75
C SER A 31 8.65 -28.12 -0.92
N GLN A 32 9.47 -27.31 -1.59
CA GLN A 32 10.19 -26.26 -0.90
C GLN A 32 10.02 -24.92 -1.57
N VAL A 33 9.79 -23.89 -0.76
CA VAL A 33 9.62 -22.54 -1.28
C VAL A 33 10.29 -21.53 -0.36
N ASP A 34 10.57 -20.36 -0.92
CA ASP A 34 11.18 -19.29 -0.14
C ASP A 34 10.11 -18.66 0.72
N VAL A 35 9.00 -18.30 0.09
CA VAL A 35 7.90 -17.69 0.82
C VAL A 35 6.57 -18.38 0.51
N LEU A 36 5.86 -18.73 1.57
CA LEU A 36 4.55 -19.33 1.44
C LEU A 36 3.58 -18.30 1.99
N ILE A 37 2.67 -17.83 1.14
CA ILE A 37 1.67 -16.86 1.56
C ILE A 37 0.36 -17.61 1.68
N VAL A 38 -0.34 -17.41 2.79
CA VAL A 38 -1.62 -18.08 3.01
C VAL A 38 -2.78 -17.10 2.90
N GLY A 39 -3.61 -17.28 1.87
CA GLY A 39 -4.74 -16.41 1.68
C GLY A 39 -4.67 -15.47 0.48
N CYS A 40 -5.63 -15.59 -0.42
CA CYS A 40 -5.68 -14.73 -1.60
C CYS A 40 -6.64 -13.58 -1.42
N GLY A 41 -6.51 -12.89 -0.29
CA GLY A 41 -7.35 -11.73 -0.04
C GLY A 41 -6.54 -10.50 -0.42
N PRO A 42 -7.02 -9.29 -0.10
CA PRO A 42 -6.27 -8.07 -0.45
C PRO A 42 -4.80 -8.12 0.01
N ALA A 43 -4.58 -8.52 1.26
CA ALA A 43 -3.22 -8.60 1.78
C ALA A 43 -2.38 -9.65 1.07
N GLY A 44 -2.91 -10.88 0.97
CA GLY A 44 -2.17 -11.94 0.32
C GLY A 44 -1.77 -11.62 -1.11
N LEU A 45 -2.74 -11.16 -1.90
CA LEU A 45 -2.50 -10.82 -3.30
C LEU A 45 -1.57 -9.61 -3.46
N THR A 46 -1.61 -8.70 -2.50
CA THR A 46 -0.73 -7.52 -2.53
C THR A 46 0.71 -8.01 -2.36
N LEU A 47 0.93 -8.89 -1.38
CA LEU A 47 2.26 -9.40 -1.12
C LEU A 47 2.75 -10.24 -2.30
N ALA A 48 1.88 -11.11 -2.81
CA ALA A 48 2.24 -11.95 -3.94
C ALA A 48 2.63 -11.10 -5.15
N ALA A 49 1.87 -10.04 -5.41
CA ALA A 49 2.12 -9.16 -6.54
C ALA A 49 3.49 -8.48 -6.42
N GLN A 50 3.89 -8.21 -5.18
CA GLN A 50 5.16 -7.56 -4.92
C GLN A 50 6.31 -8.54 -5.15
N LEU A 51 6.17 -9.75 -4.62
CA LEU A 51 7.21 -10.77 -4.74
C LEU A 51 7.31 -11.36 -6.13
N ALA A 52 6.25 -11.21 -6.93
CA ALA A 52 6.22 -11.75 -8.27
C ALA A 52 7.19 -11.03 -9.19
N ALA A 53 7.67 -9.87 -8.75
CA ALA A 53 8.62 -9.08 -9.52
C ALA A 53 10.04 -9.61 -9.37
N PHE A 54 10.23 -10.56 -8.46
CA PHE A 54 11.56 -11.14 -8.22
C PHE A 54 11.55 -12.63 -8.54
N PRO A 55 11.75 -12.98 -9.82
CA PRO A 55 11.75 -14.39 -10.24
C PRO A 55 12.80 -15.28 -9.58
N ASP A 56 13.77 -14.69 -8.89
CA ASP A 56 14.81 -15.48 -8.22
C ASP A 56 14.33 -16.00 -6.88
N ILE A 57 13.18 -15.49 -6.45
CA ILE A 57 12.59 -15.91 -5.18
C ILE A 57 11.42 -16.85 -5.49
N ARG A 58 11.37 -17.99 -4.81
CA ARG A 58 10.30 -18.96 -5.02
C ARG A 58 9.11 -18.67 -4.12
N THR A 59 8.05 -18.11 -4.70
CA THR A 59 6.87 -17.76 -3.94
C THR A 59 5.64 -18.61 -4.27
N CYS A 60 4.99 -19.11 -3.22
CA CYS A 60 3.78 -19.90 -3.37
C CYS A 60 2.68 -19.30 -2.52
N ILE A 61 1.55 -19.01 -3.14
CA ILE A 61 0.42 -18.46 -2.41
C ILE A 61 -0.75 -19.45 -2.51
N VAL A 62 -1.29 -19.81 -1.35
CA VAL A 62 -2.42 -20.75 -1.31
C VAL A 62 -3.68 -20.05 -0.81
N GLU A 63 -4.82 -20.59 -1.23
CA GLU A 63 -6.13 -20.04 -0.85
C GLU A 63 -7.07 -21.24 -0.76
N GLN A 64 -7.90 -21.27 0.28
CA GLN A 64 -8.83 -22.40 0.43
C GLN A 64 -9.99 -22.35 -0.55
N LYS A 65 -10.39 -21.15 -0.99
CA LYS A 65 -11.45 -21.02 -1.97
C LYS A 65 -10.95 -21.71 -3.24
N GLU A 66 -11.88 -22.23 -4.05
CA GLU A 66 -11.51 -22.96 -5.25
C GLU A 66 -11.16 -22.14 -6.47
N GLY A 67 -11.19 -20.81 -6.34
CA GLY A 67 -10.87 -19.95 -7.47
C GLY A 67 -11.01 -18.49 -7.10
N PRO A 68 -10.79 -17.56 -8.03
CA PRO A 68 -10.90 -16.12 -7.74
C PRO A 68 -12.35 -15.71 -7.46
N MET A 69 -12.54 -14.77 -6.55
CA MET A 69 -13.87 -14.30 -6.24
C MET A 69 -14.32 -13.33 -7.33
N GLU A 70 -15.63 -13.20 -7.51
CA GLU A 70 -16.19 -12.31 -8.52
C GLU A 70 -16.93 -11.14 -7.88
N LEU A 71 -17.24 -11.28 -6.60
CA LEU A 71 -17.96 -10.24 -5.88
C LEU A 71 -17.54 -10.28 -4.41
N GLY A 72 -16.79 -9.27 -4.00
CA GLY A 72 -16.31 -9.22 -2.63
C GLY A 72 -17.03 -8.27 -1.69
N GLN A 73 -16.69 -8.37 -0.41
CA GLN A 73 -17.31 -7.56 0.62
C GLN A 73 -16.73 -6.16 0.78
N ALA A 74 -15.44 -5.98 0.52
CA ALA A 74 -14.85 -4.64 0.67
C ALA A 74 -15.01 -3.87 -0.64
N ASP A 75 -15.08 -2.54 -0.57
CA ASP A 75 -15.22 -1.75 -1.79
C ASP A 75 -14.56 -0.37 -1.75
N GLY A 76 -14.19 0.10 -0.57
CA GLY A 76 -13.59 1.41 -0.45
C GLY A 76 -12.09 1.41 -0.74
N ILE A 77 -11.69 2.23 -1.70
CA ILE A 77 -10.28 2.34 -2.07
C ILE A 77 -9.74 3.72 -1.71
N ALA A 78 -8.92 3.77 -0.67
CA ALA A 78 -8.34 5.01 -0.18
C ALA A 78 -7.28 5.63 -1.09
N CYS A 79 -7.11 6.94 -0.95
CA CYS A 79 -6.14 7.71 -1.73
C CYS A 79 -4.76 7.09 -1.70
N ARG A 80 -4.27 6.80 -0.50
CA ARG A 80 -2.96 6.20 -0.34
C ARG A 80 -2.91 4.86 -1.04
N THR A 81 -4.01 4.11 -1.00
CA THR A 81 -4.08 2.81 -1.66
C THR A 81 -3.97 3.00 -3.18
N MET A 82 -4.59 4.06 -3.68
CA MET A 82 -4.53 4.37 -5.10
C MET A 82 -3.08 4.69 -5.48
N GLU A 83 -2.36 5.35 -4.58
CA GLU A 83 -0.97 5.68 -4.84
C GLU A 83 -0.17 4.40 -4.99
N MET A 84 -0.49 3.41 -4.16
CA MET A 84 0.20 2.12 -4.24
C MET A 84 -0.19 1.41 -5.54
N PHE A 85 -1.45 1.51 -5.93
CA PHE A 85 -1.89 0.88 -7.18
C PHE A 85 -1.09 1.50 -8.32
N GLU A 86 -0.81 2.80 -8.21
CA GLU A 86 -0.03 3.48 -9.23
C GLU A 86 1.35 2.82 -9.26
N ALA A 87 1.87 2.45 -8.08
CA ALA A 87 3.18 1.80 -8.02
C ALA A 87 3.14 0.43 -8.72
N PHE A 88 1.97 -0.20 -8.78
CA PHE A 88 1.83 -1.50 -9.46
C PHE A 88 1.34 -1.31 -10.89
N GLU A 89 1.34 -0.05 -11.31
CA GLU A 89 0.93 0.36 -12.65
C GLU A 89 -0.48 0.04 -13.11
N PHE A 90 -1.46 -0.02 -12.19
CA PHE A 90 -2.83 -0.25 -12.62
C PHE A 90 -3.86 0.68 -11.96
N ALA A 91 -3.36 1.81 -11.41
CA ALA A 91 -4.21 2.79 -10.76
C ALA A 91 -5.08 3.45 -11.82
N ASP A 92 -4.51 3.58 -13.02
CA ASP A 92 -5.19 4.16 -14.16
C ASP A 92 -6.49 3.43 -14.43
N SER A 93 -6.38 2.12 -14.57
CA SER A 93 -7.55 1.28 -14.83
C SER A 93 -8.58 1.40 -13.71
N ILE A 94 -8.13 1.42 -12.46
CA ILE A 94 -9.07 1.54 -11.35
C ILE A 94 -9.85 2.85 -11.45
N LEU A 95 -9.16 3.91 -11.84
CA LEU A 95 -9.79 5.23 -11.94
C LEU A 95 -10.88 5.31 -13.00
N LYS A 96 -10.71 4.58 -14.08
CA LYS A 96 -11.67 4.58 -15.17
C LYS A 96 -12.90 3.72 -14.89
N GLU A 97 -12.74 2.73 -14.02
CA GLU A 97 -13.84 1.84 -13.71
C GLU A 97 -14.55 2.14 -12.39
N ALA A 98 -13.79 2.58 -11.40
CA ALA A 98 -14.34 2.87 -10.08
C ALA A 98 -15.25 4.08 -10.01
N CYS A 99 -16.05 4.15 -8.95
CA CYS A 99 -16.95 5.28 -8.76
C CYS A 99 -16.26 6.23 -7.81
N TRP A 100 -15.93 7.42 -8.29
CA TRP A 100 -15.26 8.39 -7.44
C TRP A 100 -16.15 8.93 -6.33
N ILE A 101 -15.54 9.30 -5.22
CA ILE A 101 -16.23 9.90 -4.09
C ILE A 101 -15.67 11.32 -4.00
N ASN A 102 -16.40 12.30 -4.52
CA ASN A 102 -15.97 13.69 -4.51
C ASN A 102 -16.54 14.43 -3.30
N ASP A 103 -17.81 14.17 -3.00
CA ASP A 103 -18.47 14.80 -1.87
C ASP A 103 -19.15 13.75 -1.01
N VAL A 104 -19.47 14.14 0.22
CA VAL A 104 -20.18 13.29 1.13
C VAL A 104 -21.27 14.22 1.68
N THR A 105 -22.53 13.82 1.54
CA THR A 105 -23.62 14.62 2.04
C THR A 105 -24.17 13.95 3.28
N PHE A 106 -24.69 14.76 4.20
CA PHE A 106 -25.24 14.28 5.45
C PHE A 106 -26.73 14.60 5.52
N TRP A 107 -27.52 13.62 5.93
CA TRP A 107 -28.96 13.80 6.04
C TRP A 107 -29.44 13.45 7.45
N LYS A 108 -30.30 14.31 7.99
CA LYS A 108 -30.85 14.13 9.32
C LYS A 108 -32.36 14.36 9.25
N PRO A 109 -33.07 14.22 10.39
CA PRO A 109 -34.52 14.43 10.36
C PRO A 109 -34.85 15.90 10.13
N ASP A 110 -35.87 16.16 9.31
CA ASP A 110 -36.27 17.53 9.05
C ASP A 110 -36.95 18.04 10.32
N PRO A 111 -36.48 19.17 10.87
CA PRO A 111 -37.05 19.74 12.08
C PRO A 111 -38.54 20.04 12.02
N GLY A 112 -38.99 20.55 10.88
CA GLY A 112 -40.41 20.87 10.72
C GLY A 112 -41.23 19.73 10.16
N GLN A 113 -40.55 18.79 9.49
CA GLN A 113 -41.22 17.65 8.90
C GLN A 113 -41.12 16.41 9.78
N PRO A 114 -42.27 15.82 10.14
CA PRO A 114 -42.33 14.63 10.99
C PRO A 114 -41.86 13.35 10.28
N GLY A 115 -40.88 12.68 10.89
CA GLY A 115 -40.34 11.45 10.34
C GLY A 115 -39.89 11.49 8.90
N ARG A 116 -39.28 12.60 8.51
CA ARG A 116 -38.79 12.75 7.14
C ARG A 116 -37.41 13.38 7.21
N ILE A 117 -36.53 12.96 6.29
CA ILE A 117 -35.18 13.48 6.27
C ILE A 117 -34.97 14.62 5.27
N ALA A 118 -33.94 15.41 5.54
CA ALA A 118 -33.60 16.54 4.68
C ALA A 118 -32.09 16.64 4.71
N ARG A 119 -31.49 17.21 3.67
CA ARG A 119 -30.04 17.34 3.62
C ARG A 119 -29.59 18.39 4.64
N HIS A 120 -28.65 18.01 5.51
CA HIS A 120 -28.14 18.92 6.53
C HIS A 120 -26.72 19.40 6.27
N GLY A 121 -25.96 18.69 5.45
CA GLY A 121 -24.60 19.11 5.17
C GLY A 121 -23.92 18.50 3.97
N ARG A 122 -22.74 19.02 3.64
CA ARG A 122 -21.98 18.54 2.50
C ARG A 122 -20.51 18.90 2.68
N VAL A 123 -19.63 17.93 2.48
CA VAL A 123 -18.20 18.21 2.61
C VAL A 123 -17.44 17.62 1.44
N GLN A 124 -16.33 18.25 1.09
CA GLN A 124 -15.49 17.77 0.02
C GLN A 124 -14.82 16.54 0.62
N ASP A 125 -14.96 15.38 -0.02
CA ASP A 125 -14.40 14.17 0.55
C ASP A 125 -12.90 14.16 0.81
N THR A 126 -12.11 14.66 -0.14
CA THR A 126 -10.66 14.69 0.03
C THR A 126 -10.19 16.14 0.06
N GLU A 127 -9.71 16.59 1.22
CA GLU A 127 -9.25 17.97 1.33
C GLU A 127 -8.21 18.27 0.26
N ASP A 128 -8.23 19.51 -0.22
CA ASP A 128 -7.30 19.95 -1.26
C ASP A 128 -5.84 19.63 -0.97
N GLY A 129 -5.14 19.15 -1.98
CA GLY A 129 -3.73 18.83 -1.84
C GLY A 129 -3.34 17.66 -0.98
N LEU A 130 -4.31 16.82 -0.59
CA LEU A 130 -4.01 15.68 0.25
C LEU A 130 -3.37 14.54 -0.53
N SER A 131 -3.79 14.36 -1.78
CA SER A 131 -3.28 13.30 -2.64
C SER A 131 -3.57 13.61 -4.10
N GLU A 132 -2.80 13.03 -5.01
CA GLU A 132 -3.01 13.27 -6.44
C GLU A 132 -4.10 12.35 -7.00
N PHE A 133 -4.52 11.37 -6.20
CA PHE A 133 -5.57 10.43 -6.58
C PHE A 133 -6.78 10.66 -5.69
N PRO A 134 -7.97 10.32 -6.17
CA PRO A 134 -9.15 10.52 -5.32
C PRO A 134 -9.52 9.22 -4.62
N HIS A 135 -10.47 9.31 -3.69
CA HIS A 135 -10.97 8.16 -2.96
C HIS A 135 -11.97 7.54 -3.93
N VAL A 136 -11.90 6.23 -4.15
CA VAL A 136 -12.82 5.60 -5.09
C VAL A 136 -13.44 4.31 -4.55
N ILE A 137 -14.51 3.89 -5.21
CA ILE A 137 -15.24 2.69 -4.84
C ILE A 137 -15.24 1.65 -5.96
N LEU A 138 -14.71 0.48 -5.68
CA LEU A 138 -14.66 -0.57 -6.68
C LEU A 138 -14.70 -1.94 -6.04
N ASN A 139 -15.53 -2.80 -6.61
CA ASN A 139 -15.68 -4.18 -6.16
C ASN A 139 -14.30 -4.81 -5.91
N GLN A 140 -14.11 -5.28 -4.68
CA GLN A 140 -12.88 -5.91 -4.23
C GLN A 140 -12.32 -6.93 -5.24
N ALA A 141 -13.21 -7.74 -5.80
CA ALA A 141 -12.82 -8.77 -6.77
C ALA A 141 -12.02 -8.18 -7.94
N ARG A 142 -12.35 -6.95 -8.32
CA ARG A 142 -11.64 -6.30 -9.42
C ARG A 142 -10.21 -5.94 -9.01
N VAL A 143 -10.03 -5.54 -7.76
CA VAL A 143 -8.68 -5.24 -7.30
C VAL A 143 -7.91 -6.57 -7.36
N HIS A 144 -8.60 -7.65 -7.00
CA HIS A 144 -7.97 -8.97 -7.04
C HIS A 144 -7.56 -9.30 -8.45
N ASP A 145 -8.44 -9.03 -9.41
CA ASP A 145 -8.14 -9.29 -10.81
C ASP A 145 -6.84 -8.61 -11.22
N HIS A 146 -6.71 -7.33 -10.89
CA HIS A 146 -5.50 -6.58 -11.22
C HIS A 146 -4.24 -7.22 -10.63
N TYR A 147 -4.29 -7.57 -9.35
CA TYR A 147 -3.16 -8.22 -8.69
C TYR A 147 -2.88 -9.58 -9.35
N LEU A 148 -3.94 -10.32 -9.65
CA LEU A 148 -3.81 -11.64 -10.27
C LEU A 148 -3.19 -11.56 -11.66
N GLU A 149 -3.44 -10.45 -12.36
CA GLU A 149 -2.90 -10.25 -13.69
C GLU A 149 -1.43 -9.81 -13.56
N ARG A 150 -1.18 -8.93 -12.61
CA ARG A 150 0.18 -8.45 -12.39
C ARG A 150 1.05 -9.66 -12.07
N MET A 151 0.53 -10.54 -11.21
CA MET A 151 1.25 -11.74 -10.81
C MET A 151 1.52 -12.66 -12.02
N ARG A 152 0.49 -12.84 -12.83
CA ARG A 152 0.54 -13.70 -14.03
C ARG A 152 1.48 -13.15 -15.11
N ASN A 153 1.44 -11.84 -15.31
CA ASN A 153 2.26 -11.19 -16.33
C ASN A 153 3.70 -10.88 -15.87
N SER A 154 4.00 -11.15 -14.61
CA SER A 154 5.33 -10.90 -14.07
C SER A 154 6.33 -11.90 -14.64
N PRO A 155 7.63 -11.65 -14.43
CA PRO A 155 8.66 -12.57 -14.94
C PRO A 155 8.48 -13.93 -14.28
N SER A 156 7.84 -13.91 -13.10
CA SER A 156 7.59 -15.10 -12.31
C SER A 156 6.44 -15.97 -12.80
N ARG A 157 5.55 -15.40 -13.62
CA ARG A 157 4.39 -16.11 -14.13
C ARG A 157 3.69 -16.78 -12.95
N LEU A 158 3.55 -16.01 -11.87
CA LEU A 158 2.95 -16.48 -10.62
C LEU A 158 1.43 -16.55 -10.58
N GLU A 159 0.92 -17.70 -10.13
CA GLU A 159 -0.51 -17.90 -9.98
C GLU A 159 -0.75 -18.74 -8.72
N PRO A 160 -1.90 -18.52 -8.06
CA PRO A 160 -2.26 -19.23 -6.83
C PRO A 160 -2.59 -20.72 -6.94
N HIS A 161 -2.41 -21.42 -5.83
CA HIS A 161 -2.76 -22.84 -5.74
C HIS A 161 -4.04 -22.79 -4.91
N TYR A 162 -5.18 -22.94 -5.56
CA TYR A 162 -6.48 -22.88 -4.89
C TYR A 162 -6.88 -24.17 -4.19
N ALA A 163 -8.02 -24.11 -3.49
CA ALA A 163 -8.57 -25.25 -2.78
C ALA A 163 -7.56 -25.90 -1.85
N ARG A 164 -6.89 -25.07 -1.07
CA ARG A 164 -5.90 -25.53 -0.10
C ARG A 164 -6.17 -24.81 1.21
N ARG A 165 -6.38 -25.57 2.27
CA ARG A 165 -6.61 -24.97 3.57
C ARG A 165 -5.42 -25.32 4.46
N VAL A 166 -4.67 -24.30 4.87
CA VAL A 166 -3.51 -24.53 5.73
C VAL A 166 -4.01 -25.03 7.09
N LEU A 167 -3.63 -26.26 7.43
CA LEU A 167 -4.03 -26.86 8.69
C LEU A 167 -3.11 -26.48 9.83
N ASP A 168 -1.81 -26.43 9.59
CA ASP A 168 -0.88 -26.09 10.64
C ASP A 168 0.48 -25.59 10.13
N VAL A 169 1.11 -24.75 10.94
CA VAL A 169 2.42 -24.20 10.62
C VAL A 169 3.33 -24.39 11.83
N LYS A 170 4.51 -24.97 11.60
CA LYS A 170 5.48 -25.22 12.67
C LYS A 170 6.88 -24.74 12.30
N VAL A 171 7.60 -24.19 13.28
CA VAL A 171 8.94 -23.70 13.04
C VAL A 171 9.96 -24.53 13.80
N ASP A 172 10.92 -25.07 13.05
CA ASP A 172 11.99 -25.90 13.60
C ASP A 172 13.22 -25.02 13.79
N HIS A 173 13.36 -24.44 14.98
CA HIS A 173 14.47 -23.56 15.27
C HIS A 173 15.82 -24.28 15.25
N GLY A 174 15.82 -25.51 14.76
CA GLY A 174 17.05 -26.28 14.68
C GLY A 174 17.39 -26.61 13.23
N ALA A 175 16.42 -26.45 12.34
CA ALA A 175 16.63 -26.73 10.93
C ALA A 175 17.76 -25.87 10.37
N ALA A 176 18.38 -26.34 9.30
CA ALA A 176 19.48 -25.62 8.67
C ALA A 176 18.94 -24.71 7.57
N ASP A 177 17.78 -25.07 7.04
CA ASP A 177 17.14 -24.30 5.97
C ASP A 177 15.66 -24.68 5.92
N TYR A 178 14.83 -23.79 5.40
CA TYR A 178 13.39 -24.04 5.30
C TYR A 178 12.87 -24.52 6.64
N PRO A 179 13.15 -23.77 7.72
CA PRO A 179 12.72 -24.11 9.07
C PRO A 179 11.20 -24.18 9.27
N VAL A 180 10.44 -23.61 8.34
CA VAL A 180 8.99 -23.63 8.48
C VAL A 180 8.33 -24.75 7.69
N THR A 181 7.52 -25.54 8.39
CA THR A 181 6.79 -26.66 7.80
C THR A 181 5.30 -26.36 7.80
N VAL A 182 4.70 -26.29 6.61
CA VAL A 182 3.27 -26.02 6.51
C VAL A 182 2.51 -27.27 6.07
N THR A 183 1.44 -27.57 6.79
CA THR A 183 0.62 -28.74 6.47
C THR A 183 -0.69 -28.22 5.86
N LEU A 184 -0.99 -28.68 4.65
CA LEU A 184 -2.19 -28.23 3.97
C LEU A 184 -3.14 -29.36 3.59
N GLU A 185 -4.42 -29.03 3.57
CA GLU A 185 -5.46 -29.99 3.22
C GLU A 185 -6.15 -29.52 1.95
N ARG A 186 -6.12 -30.34 0.91
CA ARG A 186 -6.78 -29.99 -0.34
C ARG A 186 -8.28 -30.08 -0.14
N CYS A 187 -8.98 -29.04 -0.58
CA CYS A 187 -10.42 -28.96 -0.40
C CYS A 187 -11.30 -29.26 -1.61
N ASP A 188 -10.72 -29.43 -2.78
CA ASP A 188 -11.52 -29.72 -3.96
C ASP A 188 -11.96 -31.19 -3.95
N ALA A 189 -13.22 -31.42 -4.34
CA ALA A 189 -13.79 -32.76 -4.38
C ALA A 189 -12.88 -33.81 -5.00
N ALA A 190 -12.10 -33.42 -5.99
CA ALA A 190 -11.21 -34.35 -6.67
C ALA A 190 -9.99 -34.76 -5.84
N HIS A 191 -9.66 -33.95 -4.84
CA HIS A 191 -8.51 -34.25 -3.97
C HIS A 191 -8.91 -34.19 -2.51
N ALA A 192 -10.20 -33.99 -2.28
CA ALA A 192 -10.75 -33.89 -0.92
C ALA A 192 -9.99 -34.70 0.12
N GLY A 193 -9.57 -34.04 1.19
CA GLY A 193 -8.87 -34.71 2.27
C GLY A 193 -7.39 -34.97 2.08
N GLN A 194 -6.88 -34.79 0.87
CA GLN A 194 -5.46 -35.01 0.63
C GLN A 194 -4.60 -34.01 1.41
N ILE A 195 -3.55 -34.53 2.06
CA ILE A 195 -2.66 -33.69 2.85
C ILE A 195 -1.37 -33.34 2.14
N GLU A 196 -1.08 -32.04 2.06
CA GLU A 196 0.13 -31.56 1.41
C GLU A 196 1.06 -30.94 2.45
N THR A 197 2.36 -31.04 2.22
CA THR A 197 3.35 -30.47 3.13
C THR A 197 4.32 -29.59 2.36
N VAL A 198 4.61 -28.42 2.91
CA VAL A 198 5.53 -27.51 2.27
C VAL A 198 6.59 -27.02 3.24
N GLN A 199 7.82 -26.96 2.76
CA GLN A 199 8.94 -26.47 3.56
C GLN A 199 9.16 -25.05 3.07
N ALA A 200 9.12 -24.10 3.99
CA ALA A 200 9.29 -22.70 3.63
C ALA A 200 10.29 -21.98 4.53
N ARG A 201 10.94 -20.96 3.97
CA ARG A 201 11.90 -20.18 4.73
C ARG A 201 11.12 -19.16 5.54
N TYR A 202 10.07 -18.63 4.93
CA TYR A 202 9.21 -17.65 5.58
C TYR A 202 7.77 -17.92 5.20
N VAL A 203 6.88 -17.79 6.17
CA VAL A 203 5.47 -17.99 5.92
C VAL A 203 4.75 -16.73 6.30
N VAL A 204 3.80 -16.31 5.48
CA VAL A 204 3.05 -15.11 5.77
C VAL A 204 1.56 -15.40 5.84
N GLY A 205 1.01 -15.32 7.04
CA GLY A 205 -0.40 -15.55 7.21
C GLY A 205 -1.22 -14.33 6.86
N CYS A 206 -1.88 -14.38 5.71
CA CYS A 206 -2.74 -13.31 5.23
C CYS A 206 -4.12 -13.95 5.11
N ASP A 207 -4.38 -14.87 6.03
CA ASP A 207 -5.61 -15.64 6.04
C ASP A 207 -6.85 -15.12 6.80
N GLY A 208 -6.93 -13.80 6.95
CA GLY A 208 -8.09 -13.21 7.61
C GLY A 208 -8.34 -13.35 9.10
N ALA A 209 -9.51 -12.85 9.51
CA ALA A 209 -9.96 -12.84 10.90
C ALA A 209 -9.83 -14.13 11.70
N ARG A 210 -10.19 -15.25 11.11
CA ARG A 210 -10.10 -16.53 11.80
C ARG A 210 -8.85 -17.28 11.35
N SER A 211 -7.82 -16.51 11.03
CA SER A 211 -6.53 -17.02 10.57
C SER A 211 -5.98 -18.21 11.35
N ASN A 212 -5.60 -19.27 10.64
CA ASN A 212 -5.03 -20.45 11.27
C ASN A 212 -3.55 -20.22 11.54
N VAL A 213 -2.90 -19.43 10.69
CA VAL A 213 -1.48 -19.14 10.86
C VAL A 213 -1.25 -18.41 12.17
N ARG A 214 -2.15 -17.50 12.51
CA ARG A 214 -2.03 -16.73 13.75
C ARG A 214 -2.11 -17.68 14.94
N ARG A 215 -3.18 -18.48 14.98
CA ARG A 215 -3.38 -19.42 16.06
C ARG A 215 -2.29 -20.47 16.11
N ALA A 216 -1.66 -20.72 14.96
CA ALA A 216 -0.60 -21.70 14.90
C ALA A 216 0.63 -21.21 15.67
N ILE A 217 0.92 -19.91 15.58
CA ILE A 217 2.07 -19.38 16.29
C ILE A 217 1.70 -18.72 17.60
N GLY A 218 0.54 -19.11 18.14
CA GLY A 218 0.08 -18.61 19.43
C GLY A 218 -0.32 -17.17 19.63
N ARG A 219 -0.40 -16.38 18.56
CA ARG A 219 -0.80 -14.98 18.72
C ARG A 219 -2.31 -14.96 18.93
N GLN A 220 -2.85 -13.80 19.32
CA GLN A 220 -4.28 -13.71 19.54
C GLN A 220 -4.82 -12.28 19.47
N LEU A 221 -5.95 -12.12 18.80
CA LEU A 221 -6.59 -10.82 18.64
C LEU A 221 -7.15 -10.33 19.97
N VAL A 222 -6.55 -9.26 20.49
CA VAL A 222 -6.98 -8.68 21.74
C VAL A 222 -7.72 -7.38 21.47
N GLY A 223 -8.93 -7.28 21.98
CA GLY A 223 -9.72 -6.08 21.78
C GLY A 223 -11.07 -6.13 22.45
N ASP A 224 -12.02 -5.36 21.91
CA ASP A 224 -13.36 -5.31 22.47
C ASP A 224 -14.38 -6.04 21.58
N SER A 225 -15.57 -6.26 22.12
CA SER A 225 -16.64 -6.95 21.41
C SER A 225 -17.18 -6.13 20.24
N ALA A 226 -17.96 -6.78 19.39
CA ALA A 226 -18.55 -6.14 18.23
C ALA A 226 -19.39 -4.94 18.65
N ASN A 227 -18.82 -3.74 18.50
CA ASN A 227 -19.51 -2.50 18.84
C ASN A 227 -20.90 -2.42 18.23
N GLN A 228 -20.97 -2.55 16.90
CA GLN A 228 -22.25 -2.51 16.21
C GLN A 228 -22.34 -3.64 15.18
N ALA A 229 -23.48 -3.73 14.51
CA ALA A 229 -23.69 -4.74 13.49
C ALA A 229 -24.31 -4.01 12.31
N TRP A 230 -23.93 -4.39 11.10
CA TRP A 230 -24.46 -3.73 9.92
C TRP A 230 -25.00 -4.69 8.88
N GLY A 231 -26.15 -4.33 8.31
CA GLY A 231 -26.72 -5.12 7.25
C GLY A 231 -26.17 -4.45 6.01
N VAL A 232 -25.53 -5.21 5.14
CA VAL A 232 -24.94 -4.61 3.95
C VAL A 232 -25.54 -5.21 2.68
N MET A 233 -26.16 -4.37 1.88
CA MET A 233 -26.77 -4.86 0.64
C MET A 233 -26.38 -4.07 -0.59
N ASP A 234 -25.93 -4.80 -1.62
CA ASP A 234 -25.56 -4.20 -2.90
C ASP A 234 -26.83 -4.38 -3.71
N VAL A 235 -27.41 -3.27 -4.15
CA VAL A 235 -28.66 -3.34 -4.88
C VAL A 235 -28.74 -2.55 -6.17
N LEU A 236 -29.61 -3.01 -7.04
CA LEU A 236 -29.90 -2.34 -8.31
C LEU A 236 -31.33 -1.89 -8.07
N ALA A 237 -31.47 -0.65 -7.60
CA ALA A 237 -32.79 -0.11 -7.29
C ALA A 237 -33.04 1.25 -7.88
N VAL A 238 -34.32 1.60 -7.96
CA VAL A 238 -34.78 2.87 -8.48
C VAL A 238 -35.23 3.70 -7.29
N THR A 239 -34.71 4.92 -7.19
CA THR A 239 -35.08 5.79 -6.08
C THR A 239 -35.10 7.22 -6.56
N ASP A 240 -35.78 8.08 -5.81
CA ASP A 240 -35.83 9.48 -6.17
C ASP A 240 -35.02 10.28 -5.16
N PHE A 241 -34.35 9.57 -4.26
CA PHE A 241 -33.48 10.23 -3.30
C PHE A 241 -32.43 10.88 -4.19
N PRO A 242 -32.30 12.22 -4.16
CA PRO A 242 -31.34 12.97 -4.97
C PRO A 242 -29.84 12.77 -4.78
N ASP A 243 -29.43 12.29 -3.61
CA ASP A 243 -28.01 12.10 -3.36
C ASP A 243 -27.54 10.66 -3.48
N VAL A 244 -28.31 9.81 -4.13
CA VAL A 244 -27.94 8.41 -4.26
C VAL A 244 -26.57 8.14 -4.90
N ARG A 245 -26.12 9.01 -5.80
CA ARG A 245 -24.81 8.81 -6.44
C ARG A 245 -23.64 9.42 -5.66
N TYR A 246 -23.92 9.91 -4.45
CA TYR A 246 -22.90 10.49 -3.59
C TYR A 246 -22.69 9.51 -2.44
N LYS A 247 -21.64 9.72 -1.65
CA LYS A 247 -21.45 8.90 -0.46
C LYS A 247 -22.33 9.68 0.52
N VAL A 248 -23.27 9.00 1.17
CA VAL A 248 -24.19 9.67 2.08
C VAL A 248 -24.35 9.02 3.44
N ALA A 249 -24.29 9.84 4.48
CA ALA A 249 -24.47 9.37 5.86
C ALA A 249 -25.87 9.85 6.26
N ILE A 250 -26.77 8.91 6.54
CA ILE A 250 -28.13 9.26 6.90
C ILE A 250 -28.52 8.85 8.32
N GLN A 251 -28.97 9.84 9.11
CA GLN A 251 -29.42 9.60 10.48
C GLN A 251 -30.91 9.92 10.50
N SER A 252 -31.73 8.99 10.98
CA SER A 252 -33.16 9.24 11.05
C SER A 252 -33.82 8.64 12.28
N GLU A 253 -35.05 9.07 12.52
CA GLU A 253 -35.84 8.60 13.65
C GLU A 253 -36.00 7.08 13.55
N GLN A 254 -36.05 6.57 12.32
CA GLN A 254 -36.22 5.14 12.08
C GLN A 254 -34.93 4.39 11.75
N GLY A 255 -33.79 4.92 12.18
CA GLY A 255 -32.52 4.25 11.92
C GLY A 255 -31.49 5.04 11.16
N ASN A 256 -30.26 4.52 11.12
CA ASN A 256 -29.17 5.16 10.42
C ASN A 256 -28.72 4.33 9.24
N VAL A 257 -28.43 5.00 8.12
CA VAL A 257 -28.00 4.34 6.90
C VAL A 257 -26.82 5.06 6.26
N LEU A 258 -25.95 4.28 5.62
CA LEU A 258 -24.80 4.84 4.94
C LEU A 258 -24.89 4.42 3.47
N ILE A 259 -24.81 5.41 2.58
CA ILE A 259 -24.88 5.13 1.15
C ILE A 259 -23.52 5.21 0.48
N ILE A 260 -23.13 4.11 -0.17
CA ILE A 260 -21.88 4.06 -0.90
C ILE A 260 -22.21 3.78 -2.36
N PRO A 261 -22.04 4.79 -3.24
CA PRO A 261 -22.32 4.66 -4.67
C PRO A 261 -21.29 3.71 -5.28
N ARG A 262 -21.75 2.75 -6.07
CA ARG A 262 -20.86 1.76 -6.66
C ARG A 262 -20.45 2.00 -8.11
N GLU A 263 -19.39 1.30 -8.52
CA GLU A 263 -18.86 1.40 -9.87
C GLU A 263 -19.94 1.10 -10.91
N GLY A 264 -19.95 1.85 -12.02
CA GLY A 264 -20.94 1.62 -13.05
C GLY A 264 -22.09 2.60 -13.13
N GLY A 265 -22.23 3.45 -12.11
CA GLY A 265 -23.29 4.44 -12.11
C GLY A 265 -24.68 4.00 -11.72
N HIS A 266 -24.90 2.68 -11.57
CA HIS A 266 -26.21 2.15 -11.24
C HIS A 266 -26.26 1.41 -9.90
N LEU A 267 -25.32 0.50 -9.71
CA LEU A 267 -25.26 -0.28 -8.48
C LEU A 267 -25.05 0.65 -7.28
N VAL A 268 -25.66 0.30 -6.15
CA VAL A 268 -25.51 1.09 -4.94
C VAL A 268 -25.40 0.19 -3.71
N ARG A 269 -24.57 0.59 -2.77
CA ARG A 269 -24.43 -0.19 -1.55
C ARG A 269 -25.08 0.55 -0.39
N PHE A 270 -25.76 -0.21 0.46
CA PHE A 270 -26.42 0.36 1.62
C PHE A 270 -25.91 -0.32 2.89
N TYR A 271 -25.48 0.47 3.85
CA TYR A 271 -25.05 -0.04 5.13
C TYR A 271 -26.18 0.37 6.07
N VAL A 272 -26.92 -0.62 6.55
CA VAL A 272 -28.03 -0.38 7.46
C VAL A 272 -27.56 -0.76 8.86
N GLU A 273 -27.58 0.20 9.77
CA GLU A 273 -27.13 -0.07 11.13
C GLU A 273 -28.11 -0.96 11.88
N MET A 274 -27.57 -1.88 12.68
CA MET A 274 -28.39 -2.80 13.46
C MET A 274 -27.86 -2.94 14.88
N ASP A 275 -28.30 -4.00 15.56
CA ASP A 275 -27.91 -4.32 16.94
C ASP A 275 -28.72 -3.52 17.95
N ARG A 286 -28.68 -15.33 10.54
CA ARG A 286 -28.61 -14.38 11.69
C ARG A 286 -30.00 -13.99 12.13
N ASN A 287 -31.00 -14.65 11.54
CA ASN A 287 -32.39 -14.37 11.86
C ASN A 287 -32.73 -12.96 11.34
N ILE A 288 -32.15 -12.62 10.20
CA ILE A 288 -32.34 -11.32 9.57
C ILE A 288 -32.29 -11.54 8.06
N THR A 289 -33.19 -10.90 7.32
CA THR A 289 -33.26 -11.06 5.87
C THR A 289 -33.02 -9.78 5.06
N VAL A 290 -32.96 -9.96 3.75
CA VAL A 290 -32.75 -8.84 2.84
C VAL A 290 -33.96 -7.93 2.97
N GLU A 291 -35.13 -8.55 2.87
CA GLU A 291 -36.42 -7.86 2.96
C GLU A 291 -36.47 -6.92 4.15
N GLN A 292 -35.96 -7.36 5.28
CA GLN A 292 -35.98 -6.53 6.47
C GLN A 292 -35.08 -5.31 6.27
N LEU A 293 -33.90 -5.54 5.71
CA LEU A 293 -32.95 -4.47 5.45
C LEU A 293 -33.57 -3.46 4.51
N ILE A 294 -34.16 -3.96 3.43
CA ILE A 294 -34.80 -3.11 2.45
C ILE A 294 -35.89 -2.29 3.11
N ALA A 295 -36.71 -2.96 3.91
CA ALA A 295 -37.81 -2.30 4.62
C ALA A 295 -37.28 -1.20 5.52
N THR A 296 -36.17 -1.48 6.20
CA THR A 296 -35.58 -0.48 7.08
C THR A 296 -35.05 0.70 6.29
N ALA A 297 -34.38 0.43 5.19
CA ALA A 297 -33.82 1.48 4.34
C ALA A 297 -34.97 2.34 3.81
N GLN A 298 -36.08 1.72 3.45
CA GLN A 298 -37.22 2.48 2.94
C GLN A 298 -37.74 3.42 4.03
N ARG A 299 -37.91 2.91 5.25
CA ARG A 299 -38.39 3.75 6.32
C ARG A 299 -37.45 4.93 6.54
N VAL A 300 -36.15 4.67 6.47
CA VAL A 300 -35.14 5.70 6.65
C VAL A 300 -35.17 6.73 5.53
N LEU A 301 -35.25 6.27 4.29
CA LEU A 301 -35.26 7.16 3.13
C LEU A 301 -36.55 7.96 2.97
N HIS A 302 -37.61 7.56 3.65
CA HIS A 302 -38.89 8.26 3.55
C HIS A 302 -38.68 9.76 3.75
N PRO A 303 -39.39 10.61 2.98
CA PRO A 303 -40.40 10.35 1.95
C PRO A 303 -39.86 9.86 0.61
N TYR A 304 -38.54 9.69 0.52
CA TYR A 304 -37.96 9.21 -0.72
C TYR A 304 -38.23 7.73 -0.86
N LYS A 305 -38.55 7.32 -2.08
CA LYS A 305 -38.88 5.94 -2.36
C LYS A 305 -37.75 5.08 -2.90
N LEU A 306 -37.69 3.85 -2.40
CA LEU A 306 -36.68 2.90 -2.81
C LEU A 306 -37.30 1.62 -3.33
N GLU A 307 -37.22 1.45 -4.64
CA GLU A 307 -37.76 0.27 -5.28
C GLU A 307 -36.63 -0.64 -5.70
N VAL A 308 -36.36 -1.66 -4.89
CA VAL A 308 -35.30 -2.60 -5.18
C VAL A 308 -35.69 -3.58 -6.28
N LYS A 309 -34.91 -3.62 -7.35
CA LYS A 309 -35.19 -4.51 -8.46
C LYS A 309 -34.37 -5.79 -8.40
N ASN A 310 -33.12 -5.66 -7.97
CA ASN A 310 -32.24 -6.83 -7.87
C ASN A 310 -31.19 -6.64 -6.77
N VAL A 311 -30.80 -7.75 -6.14
CA VAL A 311 -29.81 -7.70 -5.08
C VAL A 311 -28.69 -8.70 -5.33
N PRO A 312 -27.63 -8.27 -6.04
CA PRO A 312 -26.49 -9.12 -6.35
C PRO A 312 -25.79 -9.68 -5.13
N TRP A 313 -25.86 -8.96 -4.01
CA TRP A 313 -25.16 -9.41 -2.82
C TRP A 313 -25.62 -8.68 -1.57
N TRP A 314 -25.53 -9.36 -0.44
CA TRP A 314 -25.89 -8.77 0.85
C TRP A 314 -25.33 -9.67 1.95
N SER A 315 -25.06 -9.09 3.11
CA SER A 315 -24.51 -9.85 4.23
C SER A 315 -24.69 -9.07 5.52
N VAL A 316 -23.92 -9.44 6.55
CA VAL A 316 -23.97 -8.77 7.84
C VAL A 316 -22.55 -8.53 8.36
N TYR A 317 -22.12 -7.26 8.32
CA TYR A 317 -20.81 -6.83 8.77
C TYR A 317 -20.84 -6.53 10.27
N GLU A 318 -20.22 -7.40 11.08
CA GLU A 318 -20.20 -7.21 12.52
C GLU A 318 -18.87 -7.68 13.10
N ILE A 319 -18.03 -6.74 13.52
CA ILE A 319 -16.73 -7.09 14.09
C ILE A 319 -16.20 -6.06 15.07
N GLY A 320 -15.52 -6.53 16.10
CA GLY A 320 -14.96 -5.62 17.09
C GLY A 320 -13.56 -5.25 16.64
N GLN A 321 -12.97 -4.25 17.28
CA GLN A 321 -11.62 -3.85 16.94
C GLN A 321 -10.65 -4.61 17.82
N ARG A 322 -9.92 -5.54 17.23
CA ARG A 322 -8.97 -6.34 17.97
C ARG A 322 -7.60 -6.24 17.30
N ILE A 323 -6.55 -6.66 17.99
CA ILE A 323 -5.22 -6.60 17.43
C ILE A 323 -4.22 -7.44 18.22
N CYS A 324 -3.28 -8.05 17.51
CA CYS A 324 -2.26 -8.86 18.16
C CYS A 324 -1.23 -7.94 18.80
N ALA A 325 -0.51 -8.46 19.80
CA ALA A 325 0.51 -7.68 20.48
C ALA A 325 1.75 -7.63 19.59
N LYS A 326 1.90 -8.65 18.75
CA LYS A 326 3.04 -8.78 17.86
C LYS A 326 2.54 -9.37 16.53
N TYR A 327 3.25 -9.13 15.43
CA TYR A 327 2.84 -9.66 14.13
C TYR A 327 3.69 -10.80 13.59
N ASP A 328 4.59 -11.33 14.42
CA ASP A 328 5.44 -12.44 13.99
C ASP A 328 5.59 -13.50 15.08
N ASP A 329 6.41 -14.52 14.84
CA ASP A 329 6.59 -15.58 15.81
C ASP A 329 7.70 -15.36 16.84
N VAL A 330 8.14 -14.10 16.99
CA VAL A 330 9.19 -13.78 17.95
C VAL A 330 8.54 -13.32 19.27
N VAL A 331 8.89 -14.00 20.35
CA VAL A 331 8.31 -13.71 21.67
C VAL A 331 8.56 -12.32 22.25
N ASP A 332 9.77 -11.80 22.12
CA ASP A 332 10.08 -10.48 22.67
C ASP A 332 9.14 -9.38 22.19
N ALA A 333 8.57 -8.63 23.14
CA ALA A 333 7.64 -7.55 22.82
C ALA A 333 8.33 -6.54 21.91
N VAL A 334 9.57 -6.21 22.26
CA VAL A 334 10.36 -5.28 21.49
C VAL A 334 11.68 -5.97 21.20
N ALA A 335 11.89 -6.33 19.95
CA ALA A 335 13.09 -7.03 19.54
C ALA A 335 14.35 -6.19 19.72
N THR A 336 15.48 -6.87 19.90
CA THR A 336 16.77 -6.23 20.05
C THR A 336 17.75 -7.11 19.27
N PRO A 337 18.98 -6.63 19.06
CA PRO A 337 19.98 -7.41 18.32
C PRO A 337 20.18 -8.86 18.75
N ASP A 338 19.73 -9.24 19.95
CA ASP A 338 19.92 -10.62 20.37
C ASP A 338 18.67 -11.50 20.39
N SER A 339 17.57 -10.96 19.84
CA SER A 339 16.30 -11.69 19.80
C SER A 339 16.30 -12.73 18.69
N PRO A 340 15.48 -13.78 18.84
CA PRO A 340 15.45 -14.81 17.80
C PRO A 340 14.90 -14.11 16.56
N LEU A 341 15.27 -14.57 15.37
CA LEU A 341 14.77 -13.94 14.16
C LEU A 341 13.38 -14.45 13.82
N PRO A 342 12.53 -13.59 13.24
CA PRO A 342 11.18 -14.00 12.89
C PRO A 342 11.17 -14.94 11.69
N ARG A 343 10.20 -15.84 11.64
CA ARG A 343 10.07 -16.77 10.53
C ARG A 343 8.65 -16.76 9.97
N VAL A 344 7.69 -16.41 10.83
CA VAL A 344 6.30 -16.37 10.43
C VAL A 344 5.72 -15.01 10.77
N PHE A 345 5.06 -14.41 9.79
CA PHE A 345 4.44 -13.09 9.98
C PHE A 345 2.95 -13.17 9.69
N ILE A 346 2.21 -12.25 10.30
CA ILE A 346 0.77 -12.17 10.12
C ILE A 346 0.48 -10.79 9.55
N ALA A 347 -0.40 -10.73 8.55
CA ALA A 347 -0.73 -9.45 7.94
C ALA A 347 -2.24 -9.36 7.68
N GLY A 348 -2.77 -8.14 7.64
CA GLY A 348 -4.19 -7.95 7.40
C GLY A 348 -5.03 -8.23 8.62
N ASP A 349 -6.28 -8.64 8.40
CA ASP A 349 -7.22 -8.93 9.50
C ASP A 349 -6.74 -10.03 10.45
N ALA A 350 -5.85 -10.89 9.98
CA ALA A 350 -5.32 -11.98 10.80
C ALA A 350 -4.62 -11.45 12.07
N CYS A 351 -4.26 -10.17 12.09
CA CYS A 351 -3.58 -9.60 13.24
C CYS A 351 -4.16 -8.26 13.68
N HIS A 352 -5.16 -7.77 12.96
CA HIS A 352 -5.82 -6.52 13.33
C HIS A 352 -7.07 -6.22 12.50
N THR A 353 -8.19 -6.07 13.20
CA THR A 353 -9.48 -5.77 12.59
C THR A 353 -9.96 -4.44 13.11
N HIS A 354 -10.52 -3.63 12.22
CA HIS A 354 -11.00 -2.31 12.59
C HIS A 354 -12.50 -2.23 12.43
N SER A 355 -13.14 -1.50 13.35
CA SER A 355 -14.59 -1.34 13.31
C SER A 355 -15.01 -0.71 11.98
N PRO A 356 -16.23 -1.01 11.52
CA PRO A 356 -16.71 -0.45 10.26
C PRO A 356 -16.63 1.07 10.24
N LYS A 357 -16.97 1.70 11.37
CA LYS A 357 -16.93 3.16 11.46
C LYS A 357 -15.54 3.75 11.32
N ALA A 358 -14.51 2.92 11.52
CA ALA A 358 -13.13 3.37 11.39
C ALA A 358 -12.92 3.80 9.94
N GLY A 359 -13.56 3.09 9.02
CA GLY A 359 -13.46 3.41 7.61
C GLY A 359 -12.20 2.96 6.89
N GLN A 360 -11.49 1.99 7.47
CA GLN A 360 -10.27 1.48 6.89
C GLN A 360 -10.50 0.45 5.78
N GLY A 361 -11.60 -0.29 5.87
CA GLY A 361 -11.89 -1.30 4.87
C GLY A 361 -10.70 -2.23 4.75
N MET A 362 -10.33 -2.52 3.51
CA MET A 362 -9.21 -3.41 3.23
C MET A 362 -7.91 -2.62 3.03
N ASN A 363 -8.02 -1.29 3.02
CA ASN A 363 -6.87 -0.43 2.77
C ASN A 363 -5.67 -0.59 3.69
N PHE A 364 -5.90 -0.43 4.98
CA PHE A 364 -4.79 -0.55 5.91
C PHE A 364 -4.17 -1.94 5.83
N SER A 365 -5.01 -2.94 5.63
CA SER A 365 -4.56 -4.31 5.52
C SER A 365 -3.50 -4.49 4.42
N MET A 366 -3.72 -3.91 3.26
CA MET A 366 -2.76 -4.05 2.17
C MET A 366 -1.44 -3.30 2.44
N GLN A 367 -1.48 -2.30 3.32
CA GLN A 367 -0.26 -1.56 3.63
C GLN A 367 0.70 -2.42 4.44
N ASP A 368 0.17 -3.41 5.17
CA ASP A 368 1.04 -4.31 5.94
C ASP A 368 1.89 -5.06 4.93
N SER A 369 1.24 -5.68 3.95
CA SER A 369 1.93 -6.45 2.92
C SER A 369 2.93 -5.61 2.13
N PHE A 370 2.60 -4.36 1.88
CA PHE A 370 3.50 -3.50 1.12
C PHE A 370 4.73 -3.16 1.95
N ASN A 371 4.57 -3.24 3.27
CA ASN A 371 5.64 -2.98 4.21
C ASN A 371 6.59 -4.19 4.28
N LEU A 372 6.00 -5.38 4.35
CA LEU A 372 6.77 -6.62 4.46
C LEU A 372 7.39 -7.07 3.14
N GLY A 373 6.64 -6.89 2.06
CA GLY A 373 7.10 -7.29 0.74
C GLY A 373 8.58 -7.10 0.44
N TRP A 374 9.00 -5.85 0.27
CA TRP A 374 10.39 -5.56 -0.07
C TRP A 374 11.39 -6.03 0.98
N LYS A 375 10.99 -6.05 2.24
CA LYS A 375 11.90 -6.49 3.28
C LYS A 375 12.25 -7.97 3.08
N LEU A 376 11.23 -8.79 2.88
CA LEU A 376 11.45 -10.22 2.66
C LEU A 376 12.40 -10.44 1.48
N ALA A 377 12.12 -9.76 0.37
CA ALA A 377 12.94 -9.90 -0.82
C ALA A 377 14.41 -9.51 -0.57
N ALA A 378 14.65 -8.41 0.12
CA ALA A 378 16.01 -7.98 0.39
C ALA A 378 16.74 -8.99 1.27
N VAL A 379 16.08 -9.47 2.30
CA VAL A 379 16.69 -10.45 3.19
C VAL A 379 16.99 -11.76 2.46
N LEU A 380 16.02 -12.23 1.67
CA LEU A 380 16.20 -13.46 0.92
C LEU A 380 17.35 -13.32 -0.06
N ARG A 381 17.50 -12.12 -0.63
CA ARG A 381 18.57 -11.85 -1.59
C ARG A 381 19.86 -11.50 -0.88
N LYS A 382 19.84 -11.60 0.44
CA LYS A 382 21.00 -11.31 1.26
C LYS A 382 21.55 -9.91 1.02
N GLN A 383 20.66 -8.97 0.73
CA GLN A 383 21.07 -7.59 0.53
C GLN A 383 20.86 -6.83 1.85
N CYS A 384 20.07 -7.40 2.74
CA CYS A 384 19.81 -6.80 4.04
C CYS A 384 19.86 -7.85 5.15
N ALA A 385 20.28 -7.42 6.33
CA ALA A 385 20.37 -8.31 7.47
C ALA A 385 18.97 -8.79 7.82
N PRO A 386 18.84 -10.05 8.23
CA PRO A 386 17.50 -10.55 8.57
C PRO A 386 16.83 -9.73 9.67
N GLU A 387 17.63 -9.00 10.45
CA GLU A 387 17.11 -8.17 11.53
C GLU A 387 16.10 -7.16 10.99
N LEU A 388 16.23 -6.81 9.72
CA LEU A 388 15.33 -5.86 9.09
C LEU A 388 13.89 -6.31 9.29
N LEU A 389 13.66 -7.62 9.18
CA LEU A 389 12.32 -8.19 9.33
C LEU A 389 11.61 -7.82 10.63
N HIS A 390 12.38 -7.48 11.66
CA HIS A 390 11.79 -7.09 12.93
C HIS A 390 10.97 -5.81 12.78
N THR A 391 11.43 -4.90 11.92
CA THR A 391 10.75 -3.63 11.75
C THR A 391 9.33 -3.77 11.21
N TYR A 392 9.03 -4.91 10.60
CA TYR A 392 7.69 -5.10 10.08
C TYR A 392 6.70 -5.03 11.24
N SER A 393 6.88 -5.87 12.25
CA SER A 393 5.96 -5.87 13.38
C SER A 393 5.98 -4.58 14.19
N SER A 394 7.16 -4.09 14.53
CA SER A 394 7.26 -2.86 15.32
C SER A 394 6.66 -1.67 14.59
N GLU A 395 6.74 -1.67 13.26
CA GLU A 395 6.17 -0.57 12.49
C GLU A 395 4.66 -0.70 12.32
N ARG A 396 4.22 -1.82 11.76
CA ARG A 396 2.80 -2.04 11.49
C ARG A 396 1.89 -2.28 12.69
N GLN A 397 2.41 -2.86 13.76
CA GLN A 397 1.62 -3.12 14.96
C GLN A 397 1.32 -1.80 15.67
N VAL A 398 2.35 -0.96 15.80
CA VAL A 398 2.22 0.32 16.48
C VAL A 398 1.22 1.28 15.81
N VAL A 399 1.36 1.47 14.50
CA VAL A 399 0.46 2.38 13.78
C VAL A 399 -0.98 1.85 13.75
N ALA A 400 -1.14 0.53 13.80
CA ALA A 400 -2.48 -0.06 13.81
C ALA A 400 -3.10 0.25 15.17
N GLN A 401 -2.36 -0.01 16.24
CA GLN A 401 -2.84 0.25 17.59
C GLN A 401 -3.16 1.74 17.77
N GLN A 402 -2.30 2.61 17.27
CA GLN A 402 -2.53 4.05 17.37
C GLN A 402 -3.79 4.45 16.61
N LEU A 403 -4.06 3.75 15.52
CA LEU A 403 -5.23 4.02 14.72
C LEU A 403 -6.48 3.64 15.51
N ILE A 404 -6.39 2.50 16.20
CA ILE A 404 -7.49 2.00 17.02
C ILE A 404 -7.72 2.94 18.21
N ASP A 405 -6.63 3.40 18.83
CA ASP A 405 -6.72 4.30 19.97
C ASP A 405 -7.48 5.57 19.56
N PHE A 406 -7.22 6.04 18.34
CA PHE A 406 -7.87 7.23 17.84
C PHE A 406 -9.36 7.00 17.58
N ASP A 407 -9.67 5.95 16.82
CA ASP A 407 -11.05 5.64 16.50
C ASP A 407 -11.80 5.16 17.73
N ARG A 408 -11.08 5.02 18.85
CA ARG A 408 -11.69 4.59 20.09
C ARG A 408 -12.36 5.80 20.73
N GLU A 409 -11.81 6.98 20.45
CA GLU A 409 -12.34 8.22 20.98
C GLU A 409 -13.18 8.97 19.95
N TRP A 410 -13.01 8.63 18.67
CA TRP A 410 -13.78 9.28 17.61
C TRP A 410 -15.25 9.02 17.94
N ALA A 411 -15.48 8.08 18.85
CA ALA A 411 -16.83 7.75 19.30
C ALA A 411 -17.28 8.90 20.19
N LYS A 412 -17.54 10.03 19.57
CA LYS A 412 -17.96 11.27 20.23
C LYS A 412 -18.65 11.04 21.58
N ASP A 427 -15.20 22.86 22.01
CA ASP A 427 -15.55 21.48 21.58
C ASP A 427 -16.05 21.42 20.13
N PRO A 428 -17.00 22.30 19.77
CA PRO A 428 -17.50 22.29 18.39
C PRO A 428 -16.38 22.33 17.35
N LYS A 429 -15.29 23.02 17.67
CA LYS A 429 -14.16 23.10 16.76
C LYS A 429 -13.19 21.95 17.02
N GLU A 430 -13.31 21.33 18.19
CA GLU A 430 -12.47 20.20 18.54
C GLU A 430 -13.00 19.00 17.76
N PHE A 431 -14.26 19.09 17.37
CA PHE A 431 -14.92 18.04 16.60
C PHE A 431 -14.52 18.17 15.13
N GLN A 432 -14.41 19.41 14.66
CA GLN A 432 -14.02 19.67 13.29
C GLN A 432 -12.57 19.21 13.13
N LYS A 433 -11.85 19.15 14.24
CA LYS A 433 -10.46 18.73 14.27
C LYS A 433 -10.45 17.21 14.15
N TYR A 434 -11.31 16.57 14.94
CA TYR A 434 -11.46 15.11 14.93
C TYR A 434 -11.92 14.67 13.55
N PHE A 435 -12.83 15.44 12.96
CA PHE A 435 -13.39 15.17 11.64
C PHE A 435 -12.30 15.24 10.57
N GLU A 436 -11.47 16.27 10.64
CA GLU A 436 -10.39 16.46 9.68
C GLU A 436 -9.33 15.36 9.79
N GLN A 437 -8.90 15.07 11.01
CA GLN A 437 -7.88 14.04 11.20
C GLN A 437 -8.38 12.68 10.72
N HIS A 438 -9.65 12.41 10.98
CA HIS A 438 -10.29 11.16 10.58
C HIS A 438 -10.20 10.98 9.06
N GLY A 439 -10.31 12.08 8.33
CA GLY A 439 -10.24 12.04 6.88
C GLY A 439 -8.86 11.63 6.37
N ARG A 440 -7.82 12.20 6.98
CA ARG A 440 -6.45 11.88 6.60
C ARG A 440 -6.18 10.40 6.90
N PHE A 441 -6.73 9.93 8.02
CA PHE A 441 -6.56 8.54 8.42
C PHE A 441 -7.28 7.56 7.50
N THR A 442 -8.53 7.86 7.14
CA THR A 442 -9.26 6.98 6.23
C THR A 442 -8.64 7.01 4.83
N ALA A 443 -7.96 8.10 4.51
CA ALA A 443 -7.31 8.24 3.21
C ALA A 443 -6.01 7.44 3.21
N GLY A 444 -5.58 7.01 4.40
CA GLY A 444 -4.37 6.23 4.53
C GLY A 444 -3.06 7.01 4.45
N VAL A 445 -3.13 8.32 4.64
CA VAL A 445 -1.94 9.15 4.56
C VAL A 445 -1.51 9.67 5.92
N GLY A 446 -2.12 9.14 6.97
CA GLY A 446 -1.78 9.59 8.31
C GLY A 446 -0.71 8.76 8.98
N THR A 447 -0.32 7.64 8.36
CA THR A 447 0.71 6.79 8.95
C THR A 447 2.01 7.55 9.11
N HIS A 448 2.55 7.56 10.32
CA HIS A 448 3.78 8.26 10.62
C HIS A 448 4.61 7.40 11.56
N TYR A 449 5.61 6.72 11.00
CA TYR A 449 6.48 5.86 11.80
C TYR A 449 7.40 6.65 12.71
N ALA A 450 7.61 6.14 13.91
CA ALA A 450 8.49 6.81 14.87
C ALA A 450 9.94 6.44 14.56
N PRO A 451 10.90 7.24 15.04
CA PRO A 451 12.32 6.97 14.80
C PRO A 451 12.65 5.50 15.06
N SER A 452 13.53 4.92 14.25
CA SER A 452 13.87 3.51 14.40
C SER A 452 15.11 3.15 13.58
N LEU A 453 15.24 1.85 13.30
CA LEU A 453 16.36 1.36 12.51
C LEU A 453 16.27 2.00 11.13
N LEU A 454 15.06 2.08 10.61
CA LEU A 454 14.83 2.64 9.28
C LEU A 454 14.45 4.12 9.25
N THR A 455 13.81 4.61 10.32
CA THR A 455 13.34 5.98 10.36
C THR A 455 14.18 6.98 11.18
N GLY A 456 14.56 8.07 10.53
CA GLY A 456 15.36 9.10 11.18
C GLY A 456 14.62 9.90 12.23
N GLN A 457 15.36 10.76 12.93
CA GLN A 457 14.79 11.57 14.01
C GLN A 457 14.27 12.93 13.57
N ALA A 458 14.49 13.28 12.30
CA ALA A 458 14.03 14.54 11.74
C ALA A 458 14.74 15.80 12.22
N LYS A 459 16.03 15.72 12.51
CA LYS A 459 16.74 16.91 12.94
C LYS A 459 17.01 17.88 11.77
N HIS A 460 16.92 17.38 10.54
CA HIS A 460 17.12 18.24 9.38
C HIS A 460 15.84 18.33 8.56
N GLN A 461 14.71 18.22 9.25
CA GLN A 461 13.39 18.27 8.61
C GLN A 461 13.11 19.58 7.86
N ALA A 462 13.67 20.69 8.33
CA ALA A 462 13.46 21.97 7.68
C ALA A 462 14.05 22.04 6.27
N LEU A 463 14.92 21.09 5.94
CA LEU A 463 15.50 21.07 4.60
C LEU A 463 14.44 20.73 3.56
N ALA A 464 13.44 19.96 3.97
CA ALA A 464 12.34 19.58 3.10
C ALA A 464 11.13 19.38 3.98
N SER A 465 10.56 20.51 4.43
CA SER A 465 9.42 20.52 5.34
C SER A 465 8.21 19.72 4.85
N GLY A 466 8.00 19.68 3.53
CA GLY A 466 6.86 18.96 2.98
C GLY A 466 7.02 17.45 2.91
N PHE A 467 8.18 16.93 3.32
CA PHE A 467 8.41 15.49 3.30
C PHE A 467 8.72 14.96 4.70
N THR A 468 7.70 15.00 5.56
CA THR A 468 7.83 14.55 6.94
C THR A 468 8.45 13.16 7.05
N VAL A 469 9.56 13.09 7.76
CA VAL A 469 10.26 11.83 7.96
C VAL A 469 9.33 10.80 8.62
N GLY A 470 9.25 9.61 8.05
CA GLY A 470 8.41 8.58 8.61
C GLY A 470 7.02 8.49 8.02
N MET A 471 6.67 9.43 7.15
CA MET A 471 5.35 9.42 6.50
C MET A 471 5.53 9.13 5.02
N ARG A 472 4.43 8.84 4.32
CA ARG A 472 4.50 8.53 2.91
C ARG A 472 5.00 9.73 2.10
N PHE A 473 5.72 9.46 1.01
CA PHE A 473 6.29 10.50 0.14
C PHE A 473 5.17 11.21 -0.60
N HIS A 474 4.84 12.43 -0.16
CA HIS A 474 3.76 13.23 -0.75
C HIS A 474 4.21 13.78 -2.11
N SER A 475 3.79 13.10 -3.17
CA SER A 475 4.15 13.48 -4.51
C SER A 475 3.69 14.89 -4.88
N ALA A 476 4.36 15.46 -5.87
CA ALA A 476 4.02 16.79 -6.38
C ALA A 476 4.48 16.83 -7.82
N PRO A 477 3.88 17.69 -8.64
CA PRO A 477 4.29 17.78 -10.04
C PRO A 477 5.69 18.33 -10.24
N VAL A 478 6.35 17.85 -11.29
CA VAL A 478 7.69 18.30 -11.69
C VAL A 478 7.70 18.20 -13.20
N VAL A 479 8.79 18.64 -13.83
CA VAL A 479 8.88 18.56 -15.28
C VAL A 479 10.14 17.78 -15.64
N ARG A 480 9.97 16.69 -16.40
CA ARG A 480 11.09 15.87 -16.82
C ARG A 480 11.93 16.68 -17.83
N VAL A 481 13.22 16.80 -17.56
CA VAL A 481 14.12 17.57 -18.41
C VAL A 481 14.38 16.99 -19.79
N CYS A 482 14.44 15.66 -19.92
CA CYS A 482 14.72 15.07 -21.21
C CYS A 482 13.68 15.34 -22.30
N ASP A 483 12.41 15.48 -21.91
CA ASP A 483 11.35 15.70 -22.90
C ASP A 483 10.26 16.67 -22.47
N ALA A 484 10.49 17.39 -21.38
CA ALA A 484 9.53 18.37 -20.87
C ALA A 484 8.15 17.81 -20.52
N LYS A 485 8.08 16.56 -20.11
CA LYS A 485 6.79 15.98 -19.76
C LYS A 485 6.39 16.24 -18.31
N PRO A 486 5.13 16.66 -18.10
CA PRO A 486 4.70 16.91 -16.72
C PRO A 486 4.47 15.57 -16.05
N VAL A 487 5.04 15.37 -14.88
CA VAL A 487 4.86 14.12 -14.17
C VAL A 487 4.81 14.34 -12.66
N GLN A 488 4.28 13.35 -11.96
CA GLN A 488 4.19 13.36 -10.51
C GLN A 488 5.50 12.75 -10.03
N LEU A 489 6.31 13.52 -9.33
CA LEU A 489 7.61 13.04 -8.85
C LEU A 489 7.55 11.71 -8.11
N GLY A 490 6.55 11.53 -7.25
CA GLY A 490 6.43 10.30 -6.49
C GLY A 490 6.11 9.07 -7.30
N HIS A 491 5.75 9.24 -8.57
CA HIS A 491 5.44 8.08 -9.39
C HIS A 491 6.71 7.40 -9.91
N CYS A 492 7.87 7.90 -9.51
CA CYS A 492 9.14 7.29 -9.90
C CYS A 492 9.27 6.05 -9.00
N GLY A 493 8.55 6.09 -7.89
CA GLY A 493 8.59 4.99 -6.94
C GLY A 493 7.61 3.88 -7.29
N LYS A 494 8.11 2.87 -7.99
CA LYS A 494 7.28 1.74 -8.39
C LYS A 494 7.49 0.60 -7.41
N ALA A 495 6.58 -0.37 -7.43
CA ALA A 495 6.65 -1.52 -6.55
C ALA A 495 7.70 -2.50 -7.09
N ASP A 496 8.94 -2.05 -7.21
CA ASP A 496 10.00 -2.89 -7.72
C ASP A 496 11.10 -3.18 -6.69
N GLY A 497 10.81 -2.87 -5.43
CA GLY A 497 11.76 -3.14 -4.35
C GLY A 497 12.95 -2.21 -4.21
N ARG A 498 12.96 -1.12 -4.96
CA ARG A 498 14.08 -0.19 -4.91
C ARG A 498 13.91 0.99 -3.97
N TRP A 499 15.02 1.40 -3.36
CA TRP A 499 15.03 2.56 -2.50
C TRP A 499 15.14 3.73 -3.47
N ARG A 500 14.60 4.88 -3.08
CA ARG A 500 14.67 6.05 -3.93
C ARG A 500 15.40 7.16 -3.20
N LEU A 501 16.14 7.94 -3.95
CA LEU A 501 16.88 9.06 -3.41
C LEU A 501 16.48 10.26 -4.24
N TYR A 502 15.66 11.12 -3.66
CA TYR A 502 15.22 12.31 -4.35
C TYR A 502 16.14 13.43 -3.89
N ALA A 503 17.03 13.84 -4.78
CA ALA A 503 17.97 14.89 -4.47
C ALA A 503 17.49 16.22 -5.00
N PHE A 504 16.97 17.06 -4.11
CA PHE A 504 16.53 18.40 -4.50
C PHE A 504 17.78 19.29 -4.40
N ALA A 505 18.19 19.84 -5.53
CA ALA A 505 19.39 20.68 -5.61
C ALA A 505 19.31 22.06 -4.98
N ALA A 506 20.44 22.50 -4.43
CA ALA A 506 20.54 23.82 -3.84
C ALA A 506 20.53 24.78 -5.03
N GLN A 507 20.21 26.04 -4.77
CA GLN A 507 20.13 27.04 -5.83
C GLN A 507 21.31 27.08 -6.81
N ASN A 508 22.54 27.07 -6.29
CA ASN A 508 23.74 27.15 -7.12
C ASN A 508 24.42 25.82 -7.47
N ASP A 509 23.79 24.71 -7.12
CA ASP A 509 24.38 23.40 -7.39
C ASP A 509 24.75 23.16 -8.83
N LEU A 510 23.86 23.51 -9.75
CA LEU A 510 24.10 23.30 -11.18
C LEU A 510 25.31 24.09 -11.67
N ALA A 511 25.52 25.28 -11.09
CA ALA A 511 26.62 26.15 -11.46
C ALA A 511 27.91 25.86 -10.69
N GLN A 512 27.79 25.25 -9.52
CA GLN A 512 28.97 24.96 -8.71
C GLN A 512 29.04 23.49 -8.27
N PRO A 513 29.67 22.63 -9.07
CA PRO A 513 29.81 21.20 -8.77
C PRO A 513 30.74 20.83 -7.60
N GLU A 514 31.52 21.78 -7.10
CA GLU A 514 32.43 21.47 -5.99
C GLU A 514 31.68 20.88 -4.80
N SER A 515 30.40 21.24 -4.69
CA SER A 515 29.58 20.75 -3.60
C SER A 515 28.12 20.59 -4.06
N GLY A 516 27.23 20.29 -3.12
CA GLY A 516 25.83 20.14 -3.46
C GLY A 516 25.46 18.81 -4.09
N LEU A 517 24.43 18.85 -4.92
CA LEU A 517 23.92 17.66 -5.59
C LEU A 517 24.92 16.94 -6.49
N LEU A 518 25.64 17.69 -7.30
CA LEU A 518 26.61 17.08 -8.20
C LEU A 518 27.74 16.41 -7.42
N ALA A 519 28.14 17.00 -6.30
CA ALA A 519 29.20 16.41 -5.49
C ALA A 519 28.67 15.10 -4.90
N LEU A 520 27.41 15.08 -4.47
CA LEU A 520 26.81 13.86 -3.92
C LEU A 520 26.92 12.75 -4.96
N CYS A 521 26.57 13.09 -6.20
CA CYS A 521 26.63 12.16 -7.32
C CYS A 521 28.04 11.61 -7.51
N ARG A 522 29.02 12.51 -7.45
CA ARG A 522 30.43 12.17 -7.62
C ARG A 522 30.80 11.15 -6.54
N PHE A 523 30.30 11.40 -5.34
CA PHE A 523 30.56 10.49 -4.22
C PHE A 523 29.86 9.15 -4.42
N LEU A 524 28.57 9.18 -4.76
CA LEU A 524 27.83 7.94 -4.96
C LEU A 524 28.41 7.01 -6.02
N GLU A 525 29.02 7.55 -7.06
CA GLU A 525 29.61 6.69 -8.10
C GLU A 525 31.07 6.35 -7.92
N GLY A 526 31.87 7.30 -7.45
CA GLY A 526 33.29 7.06 -7.31
C GLY A 526 33.90 6.66 -5.97
N ASP A 527 33.24 6.96 -4.86
CA ASP A 527 33.79 6.60 -3.56
C ASP A 527 33.41 5.16 -3.26
N ALA A 528 34.41 4.29 -3.09
CA ALA A 528 34.17 2.88 -2.82
C ALA A 528 33.36 2.65 -1.56
N ALA A 529 33.36 3.63 -0.67
CA ALA A 529 32.62 3.54 0.58
C ALA A 529 31.18 4.01 0.44
N SER A 530 30.80 4.47 -0.75
CA SER A 530 29.44 4.94 -0.96
C SER A 530 28.48 3.76 -0.90
N PRO A 531 27.27 3.97 -0.37
CA PRO A 531 26.30 2.87 -0.29
C PRO A 531 25.97 2.29 -1.66
N LEU A 532 25.97 3.14 -2.68
CA LEU A 532 25.67 2.71 -4.04
C LEU A 532 26.70 1.70 -4.57
N ARG A 533 27.97 1.93 -4.27
CA ARG A 533 29.03 1.02 -4.71
C ARG A 533 29.11 -0.20 -3.81
N ARG A 534 28.98 0.02 -2.51
CA ARG A 534 29.03 -1.05 -1.53
C ARG A 534 27.92 -2.08 -1.65
N PHE A 535 26.69 -1.63 -1.90
CA PHE A 535 25.58 -2.57 -1.93
C PHE A 535 24.93 -2.96 -3.26
N THR A 536 25.38 -2.40 -4.37
CA THR A 536 24.78 -2.78 -5.64
C THR A 536 25.51 -4.02 -6.14
N PRO A 537 24.78 -5.13 -6.32
CA PRO A 537 25.41 -6.36 -6.80
C PRO A 537 26.21 -6.18 -8.08
N ALA A 538 27.42 -6.73 -8.08
CA ALA A 538 28.29 -6.64 -9.23
C ALA A 538 27.55 -7.08 -10.48
N GLY A 539 27.74 -6.36 -11.57
CA GLY A 539 27.08 -6.71 -12.81
C GLY A 539 25.64 -6.24 -13.00
N GLN A 540 25.06 -5.60 -11.99
CA GLN A 540 23.70 -5.12 -12.12
C GLN A 540 23.67 -3.63 -12.51
N ASP A 541 22.52 -3.16 -12.97
CA ASP A 541 22.40 -1.75 -13.37
C ASP A 541 22.74 -0.86 -12.20
N ILE A 542 23.43 0.23 -12.47
CA ILE A 542 23.85 1.16 -11.43
C ILE A 542 22.70 1.70 -10.56
N ASP A 543 21.47 1.58 -11.05
CA ASP A 543 20.28 2.05 -10.33
C ASP A 543 19.36 0.88 -9.93
N SER A 544 19.91 -0.32 -9.85
CA SER A 544 19.10 -1.49 -9.52
C SER A 544 18.74 -1.63 -8.04
N ILE A 545 19.41 -0.89 -7.17
CA ILE A 545 19.14 -0.96 -5.75
C ILE A 545 18.74 0.42 -5.25
N PHE A 546 19.44 1.44 -5.75
CA PHE A 546 19.17 2.83 -5.39
C PHE A 546 18.73 3.60 -6.63
N ASP A 547 17.49 4.05 -6.61
CA ASP A 547 16.91 4.81 -7.72
C ASP A 547 17.05 6.28 -7.36
N LEU A 548 18.08 6.91 -7.95
CA LEU A 548 18.36 8.31 -7.72
C LEU A 548 17.63 9.18 -8.74
N ARG A 549 16.94 10.21 -8.25
CA ARG A 549 16.25 11.13 -9.13
C ARG A 549 16.67 12.52 -8.68
N ALA A 550 17.16 13.32 -9.61
CA ALA A 550 17.60 14.66 -9.25
C ALA A 550 16.59 15.73 -9.68
N VAL A 551 16.36 16.70 -8.80
CA VAL A 551 15.43 17.79 -9.09
C VAL A 551 16.11 19.16 -8.89
N PHE A 552 16.23 19.92 -9.98
CA PHE A 552 16.85 21.23 -9.93
C PHE A 552 15.78 22.33 -9.91
N PRO A 553 16.05 23.44 -9.21
CA PRO A 553 15.04 24.49 -9.17
C PRO A 553 14.97 25.27 -10.49
N GLN A 554 16.02 25.13 -11.30
CA GLN A 554 16.10 25.81 -12.60
C GLN A 554 15.09 25.27 -13.61
N ALA A 555 14.63 26.14 -14.52
CA ALA A 555 13.68 25.73 -15.56
C ALA A 555 14.31 24.58 -16.33
N TYR A 556 13.49 23.61 -16.72
CA TYR A 556 14.03 22.46 -17.43
C TYR A 556 14.91 22.88 -18.60
N THR A 557 14.52 23.96 -19.27
CA THR A 557 15.29 24.44 -20.41
C THR A 557 16.68 24.92 -19.98
N GLU A 558 16.93 25.02 -18.68
CA GLU A 558 18.22 25.49 -18.20
C GLU A 558 19.12 24.35 -17.73
N VAL A 559 18.64 23.12 -17.83
CA VAL A 559 19.44 21.98 -17.40
C VAL A 559 20.02 21.26 -18.60
N ALA A 560 21.33 21.40 -18.80
CA ALA A 560 22.03 20.76 -19.92
C ALA A 560 22.41 19.34 -19.55
N LEU A 561 21.63 18.38 -20.05
CA LEU A 561 21.87 16.97 -19.76
C LEU A 561 23.30 16.52 -20.05
N GLU A 562 23.83 16.91 -21.21
CA GLU A 562 25.17 16.51 -21.60
C GLU A 562 26.26 16.91 -20.60
N THR A 563 25.98 17.87 -19.73
CA THR A 563 26.96 18.30 -18.72
C THR A 563 26.69 17.71 -17.33
N LEU A 564 25.89 16.66 -17.26
CA LEU A 564 25.58 16.05 -15.96
C LEU A 564 26.33 14.74 -15.75
N PRO A 565 26.55 14.36 -14.49
CA PRO A 565 27.27 13.11 -14.20
C PRO A 565 26.53 11.93 -14.85
N ALA A 566 27.28 10.90 -15.22
CA ALA A 566 26.70 9.72 -15.84
C ALA A 566 25.69 9.07 -14.91
N LEU A 567 25.87 9.26 -13.61
CA LEU A 567 24.94 8.65 -12.66
C LEU A 567 23.53 9.16 -12.92
N LEU A 568 23.42 10.38 -13.45
CA LEU A 568 22.13 10.99 -13.76
C LEU A 568 21.59 10.67 -15.16
N LEU A 569 22.43 10.05 -15.99
CA LEU A 569 22.04 9.64 -17.36
C LEU A 569 22.67 8.27 -17.51
N PRO A 570 22.35 7.36 -16.56
CA PRO A 570 22.84 5.99 -16.48
C PRO A 570 22.54 5.03 -17.59
N PRO A 571 23.58 4.37 -18.12
CA PRO A 571 23.35 3.40 -19.19
C PRO A 571 22.81 2.19 -18.44
N LYS A 572 22.12 1.29 -19.13
CA LYS A 572 21.59 0.12 -18.46
C LYS A 572 21.20 -0.96 -19.44
N GLY A 573 20.94 -2.15 -18.92
CA GLY A 573 20.56 -3.26 -19.77
C GLY A 573 21.66 -3.77 -20.69
N GLN A 574 21.33 -4.82 -21.42
CA GLN A 574 22.25 -5.47 -22.35
C GLN A 574 22.85 -4.57 -23.43
N LEU A 575 22.15 -3.50 -23.80
CA LEU A 575 22.65 -2.60 -24.86
C LEU A 575 23.25 -1.28 -24.35
N GLY A 576 23.30 -1.10 -23.04
CA GLY A 576 23.85 0.14 -22.50
C GLY A 576 23.02 1.35 -22.86
N MET A 577 21.74 1.13 -23.17
CA MET A 577 20.84 2.23 -23.50
C MET A 577 20.78 3.21 -22.34
N ILE A 578 20.61 4.49 -22.65
CA ILE A 578 20.58 5.51 -21.62
C ILE A 578 19.20 5.77 -21.04
N ASP A 579 19.13 5.83 -19.71
CA ASP A 579 17.89 6.12 -19.01
C ASP A 579 17.87 7.63 -18.92
N TYR A 580 16.90 8.27 -19.55
CA TYR A 580 16.81 9.73 -19.55
C TYR A 580 15.78 10.27 -18.57
N GLU A 581 15.33 9.44 -17.63
CA GLU A 581 14.30 9.90 -16.69
C GLU A 581 14.73 10.09 -15.26
N LYS A 582 15.97 10.54 -15.06
CA LYS A 582 16.51 10.74 -13.73
C LYS A 582 16.65 12.21 -13.36
N VAL A 583 16.35 13.09 -14.31
CA VAL A 583 16.53 14.51 -14.08
C VAL A 583 15.26 15.33 -14.25
N PHE A 584 14.95 16.15 -13.24
CA PHE A 584 13.75 16.97 -13.29
C PHE A 584 13.96 18.42 -12.88
N SER A 585 12.97 19.23 -13.24
CA SER A 585 12.91 20.66 -12.92
C SER A 585 11.52 20.88 -12.36
N PRO A 586 11.21 22.10 -11.90
CA PRO A 586 9.88 22.34 -11.35
C PRO A 586 8.91 22.74 -12.45
N ASP A 587 7.62 22.79 -12.12
CA ASP A 587 6.63 23.24 -13.08
C ASP A 587 6.70 24.74 -12.86
N LEU A 588 7.34 25.45 -13.79
CA LEU A 588 7.46 26.89 -13.67
C LEU A 588 6.51 27.62 -14.61
N LYS A 589 5.71 26.84 -15.33
CA LYS A 589 4.75 27.42 -16.26
C LYS A 589 3.49 27.85 -15.52
N ASN A 590 2.95 26.96 -14.71
CA ASN A 590 1.74 27.23 -13.95
C ASN A 590 2.01 27.80 -12.56
N ALA A 591 1.38 28.93 -12.27
CA ALA A 591 1.55 29.60 -10.99
C ALA A 591 1.33 28.68 -9.80
N GLY A 592 2.21 28.80 -8.80
CA GLY A 592 2.11 28.00 -7.59
C GLY A 592 2.26 26.49 -7.75
N GLN A 593 3.02 26.03 -8.74
CA GLN A 593 3.20 24.61 -8.93
C GLN A 593 4.66 24.20 -8.78
N ASP A 594 5.49 25.11 -8.27
CA ASP A 594 6.90 24.81 -8.07
C ASP A 594 7.07 23.94 -6.82
N ILE A 595 7.52 22.71 -7.03
CA ILE A 595 7.71 21.76 -5.94
C ILE A 595 8.62 22.27 -4.82
N PHE A 596 9.59 23.11 -5.13
CA PHE A 596 10.47 23.64 -4.08
C PHE A 596 9.63 24.47 -3.12
N GLU A 597 8.59 25.11 -3.64
CA GLU A 597 7.70 25.92 -2.81
C GLU A 597 6.65 25.03 -2.15
N LEU A 598 6.03 24.16 -2.94
CA LEU A 598 4.99 23.25 -2.45
C LEU A 598 5.41 22.31 -1.33
N ARG A 599 6.68 21.91 -1.34
CA ARG A 599 7.16 20.97 -0.34
C ARG A 599 8.17 21.54 0.65
N GLY A 600 8.30 22.87 0.66
CA GLY A 600 9.20 23.53 1.59
C GLY A 600 10.67 23.13 1.57
N ILE A 601 11.23 23.03 0.38
CA ILE A 601 12.63 22.68 0.25
C ILE A 601 13.45 23.91 0.59
N ASP A 602 14.56 23.73 1.30
CA ASP A 602 15.41 24.85 1.64
C ASP A 602 16.14 25.16 0.34
N ARG A 603 15.82 26.29 -0.29
CA ARG A 603 16.45 26.63 -1.57
C ARG A 603 17.96 26.78 -1.55
N GLN A 604 18.49 27.38 -0.49
CA GLN A 604 19.92 27.61 -0.35
C GLN A 604 20.73 26.35 -0.07
N GLN A 605 20.16 25.42 0.69
CA GLN A 605 20.83 24.17 1.08
C GLN A 605 20.52 22.94 0.23
N GLY A 606 19.31 22.86 -0.31
CA GLY A 606 18.93 21.68 -1.07
C GLY A 606 18.57 20.61 -0.05
N ALA A 607 18.26 19.39 -0.49
CA ALA A 607 17.89 18.33 0.44
C ALA A 607 17.89 16.94 -0.20
N LEU A 608 18.31 15.95 0.58
CA LEU A 608 18.32 14.56 0.11
C LEU A 608 17.16 13.86 0.84
N VAL A 609 16.15 13.44 0.08
CA VAL A 609 15.02 12.76 0.68
C VAL A 609 15.08 11.30 0.31
N VAL A 610 15.47 10.48 1.29
CA VAL A 610 15.61 9.04 1.11
C VAL A 610 14.27 8.35 1.35
N VAL A 611 13.80 7.62 0.35
CA VAL A 611 12.53 6.93 0.43
C VAL A 611 12.63 5.41 0.29
N ARG A 612 11.92 4.71 1.17
CA ARG A 612 11.89 3.25 1.19
C ARG A 612 11.16 2.68 -0.01
N PRO A 613 11.34 1.37 -0.27
CA PRO A 613 10.65 0.75 -1.41
C PRO A 613 9.11 0.78 -1.28
N ASP A 614 8.61 0.98 -0.06
CA ASP A 614 7.16 1.06 0.14
C ASP A 614 6.66 2.51 0.12
N GLN A 615 7.49 3.40 -0.45
CA GLN A 615 7.16 4.82 -0.61
C GLN A 615 7.17 5.64 0.66
N TYR A 616 7.74 5.12 1.73
CA TYR A 616 7.79 5.89 2.97
C TYR A 616 9.14 6.57 3.15
N VAL A 617 9.10 7.82 3.58
CA VAL A 617 10.31 8.59 3.79
C VAL A 617 11.07 8.04 5.00
N ALA A 618 12.35 7.75 4.79
CA ALA A 618 13.21 7.23 5.86
C ALA A 618 14.07 8.36 6.41
N GLN A 619 14.59 9.20 5.51
CA GLN A 619 15.46 10.30 5.92
C GLN A 619 15.31 11.55 5.06
N VAL A 620 15.69 12.68 5.65
CA VAL A 620 15.77 13.97 4.98
C VAL A 620 17.14 14.44 5.44
N LEU A 621 18.15 14.22 4.59
CA LEU A 621 19.51 14.56 4.95
C LEU A 621 20.14 15.67 4.13
N PRO A 622 21.18 16.31 4.69
CA PRO A 622 21.86 17.38 3.97
C PRO A 622 22.57 16.68 2.81
N LEU A 623 22.58 17.28 1.63
CA LEU A 623 23.23 16.69 0.47
C LEU A 623 24.69 16.37 0.73
N GLY A 624 25.33 17.18 1.58
CA GLY A 624 26.74 16.98 1.89
C GLY A 624 27.05 15.99 2.98
N ASP A 625 26.04 15.55 3.75
CA ASP A 625 26.31 14.60 4.81
C ASP A 625 26.40 13.18 4.25
N HIS A 626 27.44 12.96 3.46
CA HIS A 626 27.70 11.68 2.84
C HIS A 626 27.94 10.57 3.85
N ALA A 627 28.61 10.90 4.95
CA ALA A 627 28.90 9.92 5.99
C ALA A 627 27.61 9.40 6.61
N ALA A 628 26.66 10.31 6.83
CA ALA A 628 25.37 9.94 7.42
C ALA A 628 24.63 8.98 6.50
N LEU A 629 24.72 9.25 5.20
CA LEU A 629 24.06 8.42 4.19
C LEU A 629 24.65 7.02 4.20
N SER A 630 25.98 6.93 4.15
CA SER A 630 26.66 5.65 4.17
C SER A 630 26.30 4.90 5.44
N ALA A 631 26.53 5.54 6.58
CA ALA A 631 26.25 4.94 7.88
C ALA A 631 24.83 4.37 7.95
N TYR A 632 23.86 5.12 7.43
CA TYR A 632 22.48 4.66 7.45
C TYR A 632 22.33 3.28 6.82
N PHE A 633 22.77 3.16 5.56
CA PHE A 633 22.65 1.88 4.88
C PHE A 633 23.59 0.79 5.41
N GLU A 634 24.74 1.18 5.97
CA GLU A 634 25.65 0.20 6.52
C GLU A 634 24.98 -0.48 7.72
N SER A 635 24.08 0.23 8.39
CA SER A 635 23.41 -0.32 9.56
C SER A 635 22.48 -1.50 9.29
N PHE A 636 22.10 -1.75 8.04
CA PHE A 636 21.23 -2.88 7.77
C PHE A 636 21.44 -3.60 6.43
N MET A 637 22.20 -2.99 5.52
CA MET A 637 22.47 -3.62 4.24
C MET A 637 23.76 -4.45 4.28
N ARG A 638 23.84 -5.45 3.41
CA ARG A 638 25.00 -6.33 3.35
C ARG A 638 25.81 -6.13 2.08
N ALA A 639 27.11 -5.94 2.23
CA ALA A 639 27.97 -5.74 1.07
C ALA A 639 28.30 -7.08 0.46
#